data_6QM2
#
_entry.id   6QM2
#
_cell.length_a   110.380
_cell.length_b   110.380
_cell.length_c   209.006
_cell.angle_alpha   90.00
_cell.angle_beta   90.00
_cell.angle_gamma   120.00
#
_symmetry.space_group_name_H-M   'P 62 2 2'
#
loop_
_entity.id
_entity.type
_entity.pdbx_description
1 polymer 'Type-2 restriction enzyme NlaIV'
2 non-polymer 'SODIUM ION'
3 non-polymer 'POTASSIUM ION'
4 water water
#
_entity_poly.entity_id   1
_entity_poly.type   'polypeptide(L)'
_entity_poly.pdbx_seq_one_letter_code
;GSHMIKLTAQQIFDKLLDEEKILSANGQIRFFLGDVDIIVKQKDVVGNIIQEWLGGWLRKREIEFDVSTNTQMPPDFFLN
KKDRSRELLEVKAFNRNASPGFDIADFKMYSDEIIHKPYMLDVDYLIFGYDMDDNGNVTIKDLWLKKVWQITRSMDGWAI
NLQVKKGVVHKIRPGVWYSINKKNMPMFECLEDFVSAIEETVYQNPATRHNASLWKRKFEEAYKKHYNRSISIPRWHEIA
HKYKKK
;
_entity_poly.pdbx_strand_id   A
#
# COMPACT_ATOMS: atom_id res chain seq x y z
N GLY A 1 25.89 -4.62 23.69
CA GLY A 1 26.17 -3.47 22.78
C GLY A 1 25.09 -3.25 21.72
N SER A 2 25.15 -4.05 20.65
CA SER A 2 24.21 -3.93 19.52
C SER A 2 24.17 -5.20 18.64
N HIS A 3 23.15 -6.03 18.84
CA HIS A 3 22.96 -7.27 18.06
C HIS A 3 21.75 -7.07 17.12
N MET A 4 22.03 -6.76 15.85
CA MET A 4 20.98 -6.43 14.87
C MET A 4 20.51 -7.62 14.05
N ILE A 5 19.21 -7.91 14.13
CA ILE A 5 18.59 -9.01 13.37
C ILE A 5 17.99 -8.50 12.05
N LYS A 6 17.92 -9.38 11.03
CA LYS A 6 17.22 -9.12 9.76
C LYS A 6 15.85 -9.79 9.80
N LEU A 7 14.79 -9.02 9.59
CA LEU A 7 13.43 -9.55 9.53
C LEU A 7 12.76 -9.35 8.16
N THR A 8 11.71 -10.13 7.94
CA THR A 8 10.84 -9.99 6.78
C THR A 8 9.51 -9.34 7.19
N ALA A 9 8.75 -8.89 6.20
CA ALA A 9 7.48 -8.18 6.44
C ALA A 9 6.46 -9.01 7.23
N GLN A 10 6.40 -10.32 6.96
CA GLN A 10 5.50 -11.23 7.66
C GLN A 10 5.92 -11.43 9.13
N GLN A 11 7.22 -11.46 9.39
CA GLN A 11 7.74 -11.55 10.75
C GLN A 11 7.44 -10.27 11.54
N ILE A 12 7.56 -9.12 10.88
CA ILE A 12 7.22 -7.82 11.48
C ILE A 12 5.72 -7.73 11.77
N PHE A 13 4.89 -8.16 10.82
CA PHE A 13 3.44 -8.23 10.99
C PHE A 13 3.09 -9.09 12.21
N ASP A 14 3.60 -10.32 12.23
CA ASP A 14 3.33 -11.26 13.33
C ASP A 14 3.90 -10.79 14.67
N LYS A 15 5.06 -10.14 14.65
CA LYS A 15 5.68 -9.63 15.88
C LYS A 15 4.82 -8.53 16.51
N LEU A 16 4.40 -7.56 15.70
CA LEU A 16 3.49 -6.51 16.15
C LEU A 16 2.18 -7.07 16.72
N LEU A 17 1.66 -8.11 16.07
CA LEU A 17 0.37 -8.68 16.43
C LEU A 17 0.43 -9.43 17.77
N ASP A 18 1.47 -10.26 17.96
CA ASP A 18 1.59 -11.18 19.11
C ASP A 18 2.49 -10.68 20.25
N GLU A 19 3.62 -10.07 19.89
CA GLU A 19 4.67 -9.69 20.85
C GLU A 19 4.45 -8.27 21.38
N GLU A 20 4.20 -7.32 20.49
CA GLU A 20 3.83 -5.95 20.84
C GLU A 20 2.39 -5.88 21.40
N LYS A 21 1.52 -6.76 20.90
CA LYS A 21 0.08 -6.76 21.21
C LYS A 21 -0.53 -5.43 20.77
N ILE A 22 -0.40 -5.16 19.47
CA ILE A 22 -0.80 -3.88 18.88
C ILE A 22 -2.32 -3.65 18.91
N LEU A 23 -3.11 -4.72 18.79
CA LEU A 23 -4.58 -4.59 18.76
C LEU A 23 -5.17 -4.12 20.09
N SER A 24 -4.57 -4.56 21.20
CA SER A 24 -4.99 -4.15 22.55
C SER A 24 -4.20 -2.96 23.11
N ALA A 25 -3.22 -2.45 22.35
CA ALA A 25 -2.35 -1.36 22.83
C ALA A 25 -3.05 -0.01 22.82
N ASN A 26 -2.59 0.89 23.68
N ASN A 26 -2.58 0.88 23.68
CA ASN A 26 -3.11 2.25 23.77
CA ASN A 26 -3.08 2.25 23.79
C ASN A 26 -1.96 3.22 23.50
C ASN A 26 -1.94 3.21 23.46
N GLY A 27 -2.29 4.39 22.96
CA GLY A 27 -1.28 5.40 22.61
C GLY A 27 -1.90 6.78 22.47
N GLN A 28 -1.06 7.80 22.33
CA GLN A 28 -1.54 9.20 22.25
C GLN A 28 -0.42 10.18 21.89
N ILE A 29 -0.79 11.23 21.16
CA ILE A 29 0.14 12.32 20.84
C ILE A 29 0.14 13.26 22.05
N ARG A 30 1.30 13.81 22.37
CA ARG A 30 1.44 14.62 23.58
C ARG A 30 2.53 15.69 23.40
N PHE A 31 2.20 16.93 23.77
CA PHE A 31 3.13 18.07 23.65
C PHE A 31 3.61 18.50 25.02
N PHE A 32 4.92 18.47 25.22
CA PHE A 32 5.58 18.88 26.45
C PHE A 32 6.22 20.23 26.20
N LEU A 33 6.11 21.13 27.18
CA LEU A 33 6.87 22.39 27.19
C LEU A 33 6.94 22.87 28.63
N GLY A 34 8.15 23.24 29.07
CA GLY A 34 8.37 23.64 30.45
C GLY A 34 8.04 22.49 31.39
N ASP A 35 7.04 22.68 32.26
CA ASP A 35 6.56 21.64 33.17
C ASP A 35 5.10 21.21 32.92
N VAL A 36 4.54 21.62 31.79
CA VAL A 36 3.16 21.26 31.45
C VAL A 36 3.17 20.40 30.19
N ASP A 37 2.38 19.33 30.22
CA ASP A 37 2.16 18.48 29.05
C ASP A 37 0.66 18.35 28.81
N ILE A 38 0.27 18.29 27.54
CA ILE A 38 -1.14 18.21 27.15
C ILE A 38 -1.36 17.13 26.09
N ILE A 39 -2.56 16.57 26.08
CA ILE A 39 -3.00 15.71 24.97
C ILE A 39 -3.08 16.57 23.70
N VAL A 40 -2.78 15.96 22.56
CA VAL A 40 -2.96 16.60 21.26
C VAL A 40 -4.00 15.80 20.48
N LYS A 41 -5.04 16.48 20.03
CA LYS A 41 -6.21 15.81 19.43
C LYS A 41 -6.39 16.10 17.93
N GLN A 42 -5.35 16.56 17.24
CA GLN A 42 -5.42 16.75 15.78
C GLN A 42 -5.42 15.38 15.11
N LYS A 43 -6.50 15.08 14.39
CA LYS A 43 -6.80 13.71 13.92
C LYS A 43 -6.03 13.33 12.66
N ASP A 44 -5.84 14.30 11.76
CA ASP A 44 -5.06 14.10 10.52
C ASP A 44 -3.56 13.79 10.74
N VAL A 45 -2.99 14.24 11.87
CA VAL A 45 -1.58 13.99 12.20
C VAL A 45 -1.27 12.51 12.50
N VAL A 46 -2.26 11.75 12.95
CA VAL A 46 -2.06 10.35 13.34
C VAL A 46 -1.54 9.50 12.17
N GLY A 47 -2.22 9.58 11.03
CA GLY A 47 -1.85 8.83 9.83
C GLY A 47 -0.43 9.04 9.33
N ASN A 48 0.04 10.29 9.39
CA ASN A 48 1.41 10.64 8.96
C ASN A 48 2.48 10.16 9.94
N ILE A 49 2.11 9.98 11.21
CA ILE A 49 3.04 9.66 12.28
C ILE A 49 3.16 8.16 12.60
N ILE A 50 2.19 7.35 12.18
CA ILE A 50 2.28 5.88 12.39
C ILE A 50 3.50 5.34 11.64
N GLN A 51 3.71 5.82 10.41
CA GLN A 51 4.89 5.46 9.62
C GLN A 51 6.20 5.79 10.36
N GLU A 52 6.25 6.96 10.98
CA GLU A 52 7.43 7.39 11.75
C GLU A 52 7.62 6.49 12.98
N TRP A 53 6.50 6.12 13.60
CA TRP A 53 6.50 5.27 14.80
C TRP A 53 7.02 3.86 14.52
N LEU A 54 6.60 3.27 13.41
CA LEU A 54 7.14 1.97 13.01
C LEU A 54 8.65 2.08 12.78
N GLY A 55 9.09 3.18 12.19
CA GLY A 55 10.51 3.53 12.11
C GLY A 55 11.21 3.44 13.46
N GLY A 56 10.63 4.08 14.47
CA GLY A 56 11.15 4.03 15.83
C GLY A 56 11.09 2.65 16.47
N TRP A 57 10.02 1.90 16.17
CA TRP A 57 9.83 0.53 16.67
C TRP A 57 10.85 -0.44 16.09
N LEU A 58 11.10 -0.33 14.79
CA LEU A 58 12.15 -1.12 14.14
C LEU A 58 13.52 -0.76 14.73
N ARG A 59 13.79 0.53 14.86
CA ARG A 59 15.09 1.03 15.31
C ARG A 59 15.38 0.66 16.77
N LYS A 60 14.32 0.60 17.59
CA LYS A 60 14.44 0.17 19.00
C LYS A 60 14.57 -1.34 19.18
N ARG A 61 14.06 -2.13 18.23
CA ARG A 61 14.27 -3.58 18.23
C ARG A 61 15.52 -4.03 17.46
N GLU A 62 16.41 -3.09 17.14
CA GLU A 62 17.68 -3.37 16.45
C GLU A 62 17.49 -3.92 15.03
N ILE A 63 16.27 -3.81 14.47
CA ILE A 63 15.94 -4.45 13.19
C ILE A 63 16.54 -3.64 12.04
N GLU A 64 17.06 -4.37 11.08
CA GLU A 64 17.90 -3.83 10.03
C GLU A 64 17.01 -3.28 8.92
N PHE A 65 17.25 -2.03 8.51
CA PHE A 65 16.51 -1.43 7.38
C PHE A 65 17.14 -0.16 6.83
N ASP A 66 16.72 0.20 5.62
CA ASP A 66 16.97 1.52 5.04
C ASP A 66 15.65 2.23 4.80
N VAL A 67 15.71 3.55 4.70
CA VAL A 67 14.53 4.38 4.46
C VAL A 67 14.53 4.90 3.02
N SER A 68 13.33 5.10 2.49
CA SER A 68 13.17 5.57 1.13
C SER A 68 13.27 7.08 1.07
N THR A 69 14.02 7.58 0.08
CA THR A 69 14.21 9.01 -0.14
C THR A 69 13.10 9.63 -1.01
N ASN A 70 12.22 8.81 -1.57
CA ASN A 70 11.13 9.24 -2.45
C ASN A 70 9.79 8.98 -1.75
N THR A 71 9.08 10.05 -1.37
CA THR A 71 7.76 9.90 -0.74
C THR A 71 6.63 9.53 -1.72
N GLN A 72 6.80 9.85 -3.00
CA GLN A 72 5.76 9.65 -4.02
C GLN A 72 5.58 8.20 -4.49
N MET A 73 6.61 7.37 -4.35
CA MET A 73 6.62 6.00 -4.86
C MET A 73 6.86 5.02 -3.72
N PRO A 74 6.34 3.77 -3.82
CA PRO A 74 6.76 2.77 -2.83
C PRO A 74 8.23 2.34 -3.04
N PRO A 75 8.87 1.75 -1.99
CA PRO A 75 8.39 1.45 -0.65
C PRO A 75 8.75 2.56 0.35
N ASP A 76 8.45 2.34 1.62
CA ASP A 76 8.89 3.24 2.70
C ASP A 76 10.16 2.70 3.35
N PHE A 77 10.21 1.39 3.59
CA PHE A 77 11.37 0.73 4.18
C PHE A 77 11.90 -0.39 3.29
N PHE A 78 13.23 -0.49 3.23
CA PHE A 78 13.93 -1.63 2.64
C PHE A 78 14.39 -2.56 3.77
N LEU A 79 13.73 -3.71 3.94
CA LEU A 79 14.07 -4.63 5.03
C LEU A 79 15.34 -5.48 4.80
N ASN A 80 15.88 -5.44 3.57
CA ASN A 80 17.12 -6.12 3.21
C ASN A 80 18.08 -5.07 2.66
N LYS A 81 19.08 -4.68 3.46
CA LYS A 81 20.05 -3.64 3.08
C LYS A 81 20.88 -3.97 1.84
N LYS A 82 21.15 -5.26 1.64
CA LYS A 82 21.94 -5.74 0.50
C LYS A 82 21.12 -5.99 -0.77
N ASP A 83 19.82 -6.27 -0.62
CA ASP A 83 18.92 -6.48 -1.75
C ASP A 83 17.74 -5.50 -1.69
N ARG A 84 17.87 -4.39 -2.41
CA ARG A 84 16.84 -3.34 -2.43
C ARG A 84 15.77 -3.56 -3.51
N SER A 85 15.71 -4.76 -4.09
CA SER A 85 14.61 -5.16 -4.94
C SER A 85 13.67 -6.18 -4.29
N ARG A 86 14.02 -6.65 -3.08
CA ARG A 86 13.20 -7.63 -2.35
C ARG A 86 13.03 -7.17 -0.92
N GLU A 87 12.04 -7.76 -0.23
CA GLU A 87 11.73 -7.45 1.17
C GLU A 87 11.41 -5.95 1.36
N LEU A 88 10.49 -5.46 0.53
CA LEU A 88 10.12 -4.04 0.50
C LEU A 88 8.81 -3.79 1.27
N LEU A 89 8.80 -2.77 2.12
CA LEU A 89 7.68 -2.50 3.01
C LEU A 89 7.12 -1.08 2.82
N GLU A 90 5.81 -0.98 2.58
CA GLU A 90 5.07 0.28 2.55
C GLU A 90 4.15 0.31 3.77
N VAL A 91 4.20 1.40 4.54
CA VAL A 91 3.30 1.60 5.67
C VAL A 91 2.18 2.55 5.27
N LYS A 92 0.94 2.13 5.58
CA LYS A 92 -0.26 2.92 5.31
C LYS A 92 -1.12 3.00 6.57
N ALA A 93 -1.81 4.13 6.73
CA ALA A 93 -2.70 4.34 7.87
C ALA A 93 -3.95 5.09 7.43
N PHE A 94 -5.09 4.68 7.98
CA PHE A 94 -6.35 5.36 7.77
C PHE A 94 -7.24 5.23 9.00
N ASN A 95 -8.08 6.25 9.21
CA ASN A 95 -9.06 6.23 10.29
C ASN A 95 -10.09 5.13 9.98
N ARG A 96 -10.19 4.16 10.89
CA ARG A 96 -11.01 2.96 10.66
C ARG A 96 -12.51 3.24 10.54
N ASN A 97 -12.99 4.35 11.10
CA ASN A 97 -14.43 4.69 11.05
C ASN A 97 -14.93 4.98 9.63
N ALA A 98 -14.07 5.55 8.79
CA ALA A 98 -14.36 5.80 7.37
C ALA A 98 -13.56 4.87 6.46
N SER A 99 -13.85 4.94 5.15
CA SER A 99 -13.14 4.15 4.14
C SER A 99 -11.67 4.60 3.99
N PRO A 100 -10.80 3.74 3.42
CA PRO A 100 -9.36 4.06 3.33
C PRO A 100 -9.05 5.34 2.53
N GLY A 101 -8.43 6.31 3.19
CA GLY A 101 -8.14 7.62 2.61
C GLY A 101 -6.78 7.76 1.94
N PHE A 102 -5.93 6.74 2.08
CA PHE A 102 -4.59 6.76 1.49
C PHE A 102 -4.62 6.50 -0.01
N ASP A 103 -3.56 6.90 -0.68
CA ASP A 103 -3.36 6.65 -2.11
C ASP A 103 -2.30 5.58 -2.31
N ILE A 104 -2.40 4.84 -3.42
CA ILE A 104 -1.39 3.85 -3.77
C ILE A 104 -0.21 4.61 -4.39
N ALA A 105 -0.46 5.26 -5.52
CA ALA A 105 0.57 6.02 -6.25
C ALA A 105 -0.05 6.75 -7.44
N ASP A 106 0.62 7.80 -7.91
CA ASP A 106 0.26 8.43 -9.18
C ASP A 106 0.27 7.36 -10.26
N PHE A 107 -0.80 7.27 -11.06
CA PHE A 107 -0.89 6.23 -12.08
C PHE A 107 0.19 6.35 -13.16
N LYS A 108 0.45 7.56 -13.66
CA LYS A 108 1.45 7.72 -14.72
C LYS A 108 2.81 7.24 -14.25
N MET A 109 3.20 7.64 -13.04
CA MET A 109 4.48 7.21 -12.46
C MET A 109 4.55 5.70 -12.25
N TYR A 110 3.44 5.13 -11.76
CA TYR A 110 3.38 3.70 -11.39
C TYR A 110 3.35 2.77 -12.59
N SER A 111 2.64 3.17 -13.66
CA SER A 111 2.65 2.40 -14.90
C SER A 111 4.05 2.31 -15.52
N ASP A 112 4.82 3.39 -15.44
CA ASP A 112 6.23 3.40 -15.90
C ASP A 112 7.14 2.64 -14.96
N GLU A 113 6.95 2.85 -13.66
CA GLU A 113 7.77 2.22 -12.61
C GLU A 113 7.78 0.70 -12.71
N ILE A 114 6.61 0.08 -12.87
CA ILE A 114 6.51 -1.39 -12.86
C ILE A 114 7.05 -2.09 -14.11
N ILE A 115 7.31 -1.33 -15.18
CA ILE A 115 8.11 -1.86 -16.31
C ILE A 115 9.59 -1.88 -15.95
N HIS A 116 10.11 -0.77 -15.43
CA HIS A 116 11.52 -0.66 -15.07
C HIS A 116 11.86 -1.50 -13.83
N LYS A 117 10.91 -1.57 -12.89
CA LYS A 117 11.10 -2.26 -11.62
C LYS A 117 9.86 -3.10 -11.26
N PRO A 118 9.62 -4.22 -11.97
CA PRO A 118 8.47 -5.11 -11.71
C PRO A 118 8.40 -5.65 -10.29
N TYR A 119 9.54 -5.80 -9.65
CA TYR A 119 9.60 -6.19 -8.23
C TYR A 119 8.84 -5.27 -7.25
N MET A 120 8.49 -4.05 -7.68
CA MET A 120 7.60 -3.18 -6.91
C MET A 120 6.19 -3.77 -6.69
N LEU A 121 5.75 -4.62 -7.61
CA LEU A 121 4.45 -5.30 -7.45
C LEU A 121 4.39 -6.29 -6.29
N ASP A 122 5.56 -6.70 -5.78
CA ASP A 122 5.64 -7.61 -4.62
C ASP A 122 5.93 -6.86 -3.32
N VAL A 123 5.75 -5.53 -3.30
CA VAL A 123 5.87 -4.75 -2.07
C VAL A 123 4.76 -5.16 -1.10
N ASP A 124 5.10 -5.29 0.18
CA ASP A 124 4.13 -5.59 1.22
C ASP A 124 3.62 -4.30 1.85
N TYR A 125 2.30 -4.21 2.00
CA TYR A 125 1.64 -3.04 2.59
C TYR A 125 1.19 -3.38 4.00
N LEU A 126 1.90 -2.81 4.98
CA LEU A 126 1.50 -2.92 6.39
C LEU A 126 0.52 -1.79 6.66
N ILE A 127 -0.76 -2.13 6.82
CA ILE A 127 -1.83 -1.14 6.91
C ILE A 127 -2.42 -1.07 8.32
N PHE A 128 -2.30 0.11 8.95
CA PHE A 128 -2.89 0.36 10.28
C PHE A 128 -4.27 1.01 10.16
N GLY A 129 -5.31 0.29 10.57
CA GLY A 129 -6.65 0.87 10.73
C GLY A 129 -6.79 1.46 12.12
N TYR A 130 -6.52 2.76 12.25
CA TYR A 130 -6.48 3.42 13.57
C TYR A 130 -7.80 4.10 13.96
N ASP A 131 -7.88 4.50 15.22
CA ASP A 131 -9.04 5.22 15.77
C ASP A 131 -8.59 6.14 16.90
N MET A 132 -9.12 7.36 16.94
CA MET A 132 -8.89 8.29 18.06
C MET A 132 -10.23 8.75 18.64
N ASP A 133 -10.42 8.50 19.94
CA ASP A 133 -11.63 8.91 20.67
C ASP A 133 -11.64 10.41 20.99
N ASP A 134 -12.66 10.87 21.71
CA ASP A 134 -12.79 12.29 22.08
C ASP A 134 -11.71 12.76 23.08
N ASN A 135 -11.29 11.86 23.96
CA ASN A 135 -10.21 12.15 24.93
C ASN A 135 -8.80 12.16 24.33
N GLY A 136 -8.65 11.67 23.10
CA GLY A 136 -7.36 11.69 22.39
C GLY A 136 -6.53 10.41 22.44
N ASN A 137 -7.09 9.33 22.98
N ASN A 137 -7.10 9.33 22.97
CA ASN A 137 -6.40 8.05 23.06
CA ASN A 137 -6.42 8.05 23.05
C ASN A 137 -6.49 7.32 21.72
C ASN A 137 -6.49 7.31 21.71
N VAL A 138 -5.33 7.10 21.09
CA VAL A 138 -5.22 6.40 19.81
C VAL A 138 -5.16 4.89 20.03
N THR A 139 -5.91 4.12 19.25
CA THR A 139 -5.84 2.66 19.26
C THR A 139 -5.79 2.13 17.82
N ILE A 140 -5.13 0.99 17.64
CA ILE A 140 -5.07 0.30 16.35
C ILE A 140 -6.16 -0.76 16.34
N LYS A 141 -7.30 -0.43 15.74
CA LYS A 141 -8.45 -1.34 15.67
C LYS A 141 -8.20 -2.57 14.78
N ASP A 142 -7.51 -2.35 13.66
CA ASP A 142 -7.14 -3.42 12.74
C ASP A 142 -5.70 -3.26 12.25
N LEU A 143 -5.09 -4.38 11.86
CA LEU A 143 -3.78 -4.38 11.20
C LEU A 143 -3.81 -5.41 10.07
N TRP A 144 -3.26 -5.03 8.91
CA TRP A 144 -3.19 -5.91 7.75
C TRP A 144 -1.81 -5.92 7.14
N LEU A 145 -1.46 -7.05 6.51
CA LEU A 145 -0.31 -7.15 5.61
C LEU A 145 -0.84 -7.67 4.27
N LYS A 146 -0.82 -6.81 3.25
CA LYS A 146 -1.43 -7.11 1.96
C LYS A 146 -0.52 -6.71 0.81
N LYS A 147 -0.75 -7.30 -0.36
CA LYS A 147 -0.13 -6.87 -1.62
C LYS A 147 -0.97 -5.77 -2.26
N VAL A 148 -0.38 -5.02 -3.19
CA VAL A 148 -1.10 -3.94 -3.89
C VAL A 148 -2.36 -4.43 -4.63
N TRP A 149 -2.29 -5.62 -5.20
CA TRP A 149 -3.43 -6.22 -5.91
C TRP A 149 -4.56 -6.64 -4.98
N GLN A 150 -4.25 -6.92 -3.71
CA GLN A 150 -5.27 -7.27 -2.70
C GLN A 150 -6.06 -6.07 -2.16
N ILE A 151 -5.55 -4.86 -2.34
CA ILE A 151 -6.21 -3.65 -1.81
C ILE A 151 -6.70 -2.70 -2.91
N THR A 152 -6.75 -3.17 -4.16
CA THR A 152 -7.30 -2.37 -5.26
C THR A 152 -8.32 -3.18 -6.04
N ARG A 153 -9.11 -2.46 -6.84
CA ARG A 153 -10.20 -3.04 -7.62
C ARG A 153 -10.38 -2.26 -8.91
N SER A 154 -11.38 -2.64 -9.70
CA SER A 154 -11.82 -1.84 -10.83
C SER A 154 -12.79 -0.76 -10.35
N MET A 155 -13.24 0.08 -11.29
CA MET A 155 -14.27 1.09 -11.02
C MET A 155 -15.21 1.22 -12.23
N ASP A 156 -16.17 2.12 -12.13
CA ASP A 156 -17.01 2.44 -13.26
C ASP A 156 -16.27 3.39 -14.20
N GLY A 157 -16.04 2.95 -15.44
CA GLY A 157 -15.47 3.79 -16.50
C GLY A 157 -13.96 3.67 -16.73
N TRP A 158 -13.28 2.95 -15.84
CA TRP A 158 -11.84 2.68 -15.96
C TRP A 158 -11.55 1.26 -15.49
N ALA A 159 -10.47 0.68 -16.00
CA ALA A 159 -10.11 -0.69 -15.66
C ALA A 159 -9.65 -0.84 -14.21
N ILE A 160 -8.95 0.18 -13.69
CA ILE A 160 -8.53 0.20 -12.28
C ILE A 160 -9.16 1.40 -11.56
N ASN A 161 -9.37 1.26 -10.26
CA ASN A 161 -9.94 2.33 -9.44
C ASN A 161 -8.99 3.52 -9.34
N LEU A 162 -9.45 4.66 -9.86
CA LEU A 162 -8.65 5.86 -10.01
C LEU A 162 -9.32 7.07 -9.36
N GLN A 163 -8.51 8.10 -9.19
CA GLN A 163 -8.95 9.43 -8.81
C GLN A 163 -8.89 10.19 -10.13
N VAL A 164 -10.06 10.47 -10.70
CA VAL A 164 -10.17 11.22 -11.94
C VAL A 164 -10.89 12.53 -11.66
N LYS A 165 -10.32 13.63 -12.14
CA LYS A 165 -10.87 14.97 -11.95
C LYS A 165 -10.98 15.62 -13.33
N LYS A 166 -12.21 15.94 -13.75
CA LYS A 166 -12.46 16.60 -15.04
C LYS A 166 -11.83 15.85 -16.23
N GLY A 167 -11.97 14.51 -16.21
CA GLY A 167 -11.42 13.64 -17.26
C GLY A 167 -9.90 13.44 -17.29
N VAL A 168 -9.22 13.86 -16.21
CA VAL A 168 -7.76 13.78 -16.07
C VAL A 168 -7.42 12.82 -14.93
N VAL A 169 -6.63 11.80 -15.23
CA VAL A 169 -6.32 10.74 -14.28
C VAL A 169 -5.19 11.18 -13.34
N HIS A 170 -5.32 10.85 -12.06
CA HIS A 170 -4.29 11.12 -11.05
C HIS A 170 -3.86 9.82 -10.35
N LYS A 171 -4.30 9.59 -9.12
CA LYS A 171 -3.75 8.52 -8.29
C LYS A 171 -4.56 7.24 -8.34
N ILE A 172 -3.87 6.12 -8.22
CA ILE A 172 -4.53 4.83 -8.04
C ILE A 172 -5.09 4.85 -6.63
N ARG A 173 -6.34 4.42 -6.49
CA ARG A 173 -7.06 4.50 -5.24
C ARG A 173 -7.40 3.10 -4.74
N PRO A 174 -7.29 2.89 -3.42
CA PRO A 174 -7.59 1.57 -2.86
C PRO A 174 -9.08 1.30 -2.78
N GLY A 175 -9.45 0.02 -2.79
CA GLY A 175 -10.81 -0.42 -2.52
C GLY A 175 -11.01 -0.72 -1.04
N VAL A 176 -12.18 -1.24 -0.71
CA VAL A 176 -12.52 -1.66 0.65
C VAL A 176 -12.43 -3.20 0.69
N TRP A 177 -11.20 -3.66 0.89
CA TRP A 177 -10.87 -5.09 0.91
C TRP A 177 -11.42 -5.84 2.12
N TYR A 178 -11.50 -5.14 3.26
CA TYR A 178 -11.88 -5.73 4.56
C TYR A 178 -13.37 -6.04 4.75
N SER A 179 -14.24 -5.37 4.00
N SER A 179 -14.24 -5.37 4.00
CA SER A 179 -15.70 -5.49 4.17
CA SER A 179 -15.69 -5.48 4.20
C SER A 179 -16.21 -6.89 3.83
C SER A 179 -16.22 -6.88 3.83
N ILE A 180 -16.96 -7.47 4.76
CA ILE A 180 -17.62 -8.78 4.54
C ILE A 180 -18.81 -8.67 3.56
N ASN A 181 -19.37 -7.47 3.43
CA ASN A 181 -20.35 -7.12 2.40
C ASN A 181 -19.81 -7.41 0.98
N LYS A 182 -20.39 -8.39 0.31
CA LYS A 182 -19.94 -8.82 -1.03
C LYS A 182 -20.53 -7.92 -2.13
N LYS A 183 -19.78 -6.89 -2.51
CA LYS A 183 -20.18 -5.98 -3.60
C LYS A 183 -19.97 -6.63 -4.97
N ASN A 184 -20.56 -6.00 -5.99
CA ASN A 184 -20.29 -6.38 -7.39
C ASN A 184 -18.83 -6.14 -7.84
N MET A 185 -18.15 -5.19 -7.18
N MET A 185 -18.13 -5.21 -7.18
CA MET A 185 -16.74 -4.87 -7.42
CA MET A 185 -16.73 -4.90 -7.50
C MET A 185 -15.86 -5.39 -6.29
C MET A 185 -15.80 -5.36 -6.38
N PRO A 186 -15.29 -6.60 -6.45
CA PRO A 186 -14.32 -7.12 -5.48
C PRO A 186 -12.90 -6.69 -5.81
N MET A 187 -11.97 -7.00 -4.90
CA MET A 187 -10.55 -6.72 -5.10
C MET A 187 -9.99 -7.71 -6.10
N PHE A 188 -8.85 -7.37 -6.70
CA PHE A 188 -8.21 -8.25 -7.69
C PHE A 188 -7.79 -9.58 -7.06
N GLU A 189 -8.09 -10.68 -7.75
CA GLU A 189 -7.84 -12.03 -7.23
C GLU A 189 -6.36 -12.41 -7.23
N CYS A 190 -5.61 -11.88 -8.20
CA CYS A 190 -4.20 -12.16 -8.33
C CYS A 190 -3.43 -10.99 -8.96
N LEU A 191 -2.12 -11.09 -8.90
CA LEU A 191 -1.22 -10.11 -9.51
C LEU A 191 -1.48 -9.90 -11.00
N GLU A 192 -1.68 -11.00 -11.74
CA GLU A 192 -1.83 -10.92 -13.21
C GLU A 192 -3.02 -10.05 -13.61
N ASP A 193 -4.13 -10.20 -12.88
CA ASP A 193 -5.35 -9.42 -13.14
C ASP A 193 -5.15 -7.93 -12.85
N PHE A 194 -4.54 -7.62 -11.71
CA PHE A 194 -4.14 -6.24 -11.37
C PHE A 194 -3.32 -5.60 -12.50
N VAL A 195 -2.30 -6.32 -12.96
CA VAL A 195 -1.42 -5.84 -14.02
C VAL A 195 -2.20 -5.68 -15.32
N SER A 196 -3.11 -6.62 -15.60
CA SER A 196 -3.99 -6.53 -16.77
C SER A 196 -4.82 -5.25 -16.74
N ALA A 197 -5.33 -4.91 -15.55
CA ALA A 197 -6.05 -3.64 -15.35
C ALA A 197 -5.15 -2.43 -15.62
N ILE A 198 -3.92 -2.47 -15.09
CA ILE A 198 -2.95 -1.39 -15.32
C ILE A 198 -2.70 -1.25 -16.82
N GLU A 199 -2.45 -2.37 -17.50
CA GLU A 199 -2.18 -2.35 -18.94
C GLU A 199 -3.27 -1.61 -19.71
N GLU A 200 -4.52 -1.96 -19.44
CA GLU A 200 -5.64 -1.38 -20.17
C GLU A 200 -5.83 0.08 -19.79
N THR A 201 -5.73 0.37 -18.50
CA THR A 201 -5.79 1.76 -18.00
C THR A 201 -4.77 2.67 -18.70
N VAL A 202 -3.60 2.13 -19.02
CA VAL A 202 -2.58 2.89 -19.76
C VAL A 202 -3.17 3.39 -21.09
N TYR A 203 -3.87 2.51 -21.80
CA TYR A 203 -4.50 2.87 -23.08
C TYR A 203 -5.73 3.78 -22.90
N GLN A 204 -6.55 3.48 -21.90
CA GLN A 204 -7.76 4.27 -21.57
C GLN A 204 -7.42 5.72 -21.27
N ASN A 205 -6.34 5.91 -20.51
CA ASN A 205 -5.88 7.23 -20.08
C ASN A 205 -5.20 7.94 -21.25
N PRO A 206 -5.75 9.07 -21.73
CA PRO A 206 -5.10 9.82 -22.82
C PRO A 206 -3.66 10.25 -22.54
N ALA A 207 -3.36 10.54 -21.27
CA ALA A 207 -2.01 10.95 -20.87
C ALA A 207 -0.95 9.87 -21.07
N THR A 208 -1.29 8.61 -20.79
CA THR A 208 -0.35 7.50 -20.91
C THR A 208 -0.55 6.64 -22.17
N ARG A 209 -1.41 7.09 -23.10
CA ARG A 209 -1.73 6.30 -24.30
C ARG A 209 -0.55 6.11 -25.26
N HIS A 210 0.36 7.09 -25.28
CA HIS A 210 1.53 7.06 -26.18
C HIS A 210 2.43 5.82 -26.02
N ASN A 211 2.49 5.26 -24.81
CA ASN A 211 3.28 4.03 -24.56
C ASN A 211 2.40 2.83 -24.15
N ALA A 212 1.21 2.77 -24.74
CA ALA A 212 0.27 1.68 -24.50
C ALA A 212 0.50 0.50 -25.44
N SER A 213 1.03 0.78 -26.64
CA SER A 213 1.19 -0.24 -27.67
C SER A 213 2.13 -1.36 -27.23
N LEU A 214 3.31 -0.98 -26.77
CA LEU A 214 4.35 -1.96 -26.41
C LEU A 214 4.21 -2.52 -24.99
N TRP A 215 3.36 -1.88 -24.17
CA TRP A 215 3.34 -2.08 -22.70
C TRP A 215 3.35 -3.54 -22.21
N LYS A 216 2.51 -4.39 -22.82
CA LYS A 216 2.38 -5.79 -22.38
C LYS A 216 3.69 -6.57 -22.56
N ARG A 217 4.25 -6.49 -23.76
CA ARG A 217 5.51 -7.16 -24.10
C ARG A 217 6.64 -6.63 -23.21
N LYS A 218 6.80 -5.31 -23.17
CA LYS A 218 7.83 -4.66 -22.36
C LYS A 218 7.77 -5.08 -20.89
N PHE A 219 6.56 -5.23 -20.35
CA PHE A 219 6.39 -5.68 -18.97
C PHE A 219 6.76 -7.15 -18.78
N GLU A 220 6.28 -8.01 -19.68
CA GLU A 220 6.52 -9.46 -19.56
C GLU A 220 8.00 -9.83 -19.69
N GLU A 221 8.73 -9.11 -20.55
CA GLU A 221 10.19 -9.27 -20.67
C GLU A 221 10.91 -8.79 -19.41
N ALA A 222 10.48 -7.65 -18.88
CA ALA A 222 11.03 -7.11 -17.65
C ALA A 222 10.75 -8.01 -16.45
N TYR A 223 9.56 -8.58 -16.38
CA TYR A 223 9.25 -9.54 -15.30
C TYR A 223 10.16 -10.77 -15.41
N LYS A 224 10.41 -11.20 -16.64
CA LYS A 224 11.26 -12.36 -16.89
C LYS A 224 12.70 -12.12 -16.43
N LYS A 225 13.28 -10.97 -16.78
CA LYS A 225 14.63 -10.63 -16.31
C LYS A 225 14.74 -10.69 -14.79
N HIS A 226 13.87 -9.98 -14.10
CA HIS A 226 13.99 -9.80 -12.66
C HIS A 226 13.62 -11.03 -11.83
N TYR A 227 12.69 -11.85 -12.34
CA TYR A 227 12.24 -13.05 -11.62
C TYR A 227 12.73 -14.39 -12.22
N ASN A 228 13.33 -14.35 -13.41
CA ASN A 228 13.81 -15.54 -14.13
C ASN A 228 12.68 -16.54 -14.39
N ARG A 229 11.54 -16.00 -14.80
CA ARG A 229 10.29 -16.76 -14.90
C ARG A 229 9.31 -15.94 -15.74
N SER A 230 8.64 -16.59 -16.69
CA SER A 230 7.65 -15.90 -17.51
C SER A 230 6.38 -15.63 -16.70
N ILE A 231 5.64 -14.60 -17.11
CA ILE A 231 4.33 -14.30 -16.55
C ILE A 231 3.37 -13.99 -17.71
N SER A 232 2.15 -14.52 -17.61
CA SER A 232 1.13 -14.32 -18.63
C SER A 232 0.05 -13.36 -18.09
N ILE A 233 0.03 -12.15 -18.66
CA ILE A 233 -0.95 -11.13 -18.32
C ILE A 233 -2.17 -11.33 -19.22
N PRO A 234 -3.34 -11.69 -18.64
CA PRO A 234 -4.52 -11.85 -19.51
C PRO A 234 -4.99 -10.52 -20.10
N ARG A 235 -5.72 -10.59 -21.21
CA ARG A 235 -6.36 -9.39 -21.78
C ARG A 235 -7.45 -8.95 -20.83
N TRP A 236 -7.58 -7.63 -20.61
CA TRP A 236 -8.55 -7.09 -19.66
C TRP A 236 -9.99 -7.41 -20.09
N HIS A 237 -10.26 -7.33 -21.38
CA HIS A 237 -11.58 -7.65 -21.93
C HIS A 237 -12.10 -9.04 -21.50
N GLU A 238 -11.21 -10.04 -21.47
CA GLU A 238 -11.57 -11.39 -21.05
C GLU A 238 -11.92 -11.49 -19.56
N ILE A 239 -11.20 -10.78 -18.70
CA ILE A 239 -11.35 -10.90 -17.24
C ILE A 239 -12.17 -9.79 -16.58
N ALA A 240 -12.52 -8.75 -17.34
CA ALA A 240 -13.24 -7.59 -16.80
C ALA A 240 -14.52 -7.96 -16.04
N HIS A 241 -15.27 -8.93 -16.57
CA HIS A 241 -16.53 -9.38 -15.96
C HIS A 241 -16.43 -9.75 -14.47
N LYS A 242 -15.29 -10.30 -14.06
CA LYS A 242 -15.07 -10.67 -12.65
C LYS A 242 -15.06 -9.48 -11.70
N TYR A 243 -14.72 -8.29 -12.23
CA TYR A 243 -14.48 -7.08 -11.43
C TYR A 243 -15.50 -5.94 -11.64
N LYS A 244 -16.28 -5.99 -12.72
CA LYS A 244 -17.31 -4.99 -13.00
C LYS A 244 -18.66 -5.48 -12.48
N LYS A 245 -19.73 -4.77 -12.82
CA LYS A 245 -21.10 -5.23 -12.57
C LYS A 245 -21.60 -5.98 -13.81
N LYS A 246 -21.53 -5.32 -14.97
CA LYS A 246 -21.98 -5.88 -16.26
C LYS A 246 -20.89 -5.66 -17.32
#